data_6DBN
#
_entry.id   6DBN
#
_cell.length_a   45.510
_cell.length_b   88.422
_cell.length_c   145.914
_cell.angle_alpha   90.000
_cell.angle_beta   90.000
_cell.angle_gamma   90.000
#
_symmetry.space_group_name_H-M   'C 2 2 21'
#
loop_
_entity.id
_entity.type
_entity.pdbx_description
1 polymer 'Tyrosine-protein kinase JAK1'
2 non-polymer [(1S)-2,2-difluorocyclopropyl][(1R,5S)-3-{2-[(1-methyl-1H-pyrazol-4-yl)amino]pyrimidin-4-yl}-3,8-diazabicyclo[3.2.1]octan-8-yl]methanone
3 water water
#
_entity_poly.entity_id   1
_entity_poly.type   'polypeptide(L)'
_entity_poly.pdbx_seq_one_letter_code
;GSIMRDINKLEEQNPDIVSEKKPATEVDPTHFEKRFLKRIRDLGEGHFGKVELCRYDPEGDNTGEQVAVKSLKPESGGNH
IADLKKEIEILRNLYHENIVKYKGICTEDGGNGIKLIMEFLPSGSLKEYLPKNKNKINLKQQLKYAVQICKGMDYLGSRQ
YVHRDLAARNVLVESEHQVKIGDFGLTKAIETDKE(PTR)(PTR)TVKDDRDSPVFWYAPECLMQSKFYIASDVWSFGVT
LHELLTYCDSDSSPMALFLKMIGPTHGQMTVTRLVNTLKEGKRLPCPPNCPDEVYQLMRKCWEFQPSNRTSFQNLIEGFE
ALLK
;
_entity_poly.pdbx_strand_id   A
#
# COMPACT_ATOMS: atom_id res chain seq x y z
N PRO A 29 -19.32 -21.03 -7.32
CA PRO A 29 -18.37 -21.09 -6.20
C PRO A 29 -17.59 -19.78 -6.00
N THR A 30 -16.96 -19.28 -7.07
CA THR A 30 -16.17 -18.04 -7.06
C THR A 30 -16.99 -16.88 -7.64
N HIS A 31 -18.27 -17.13 -7.99
CA HIS A 31 -19.13 -16.07 -8.53
C HIS A 31 -20.07 -15.49 -7.47
N PHE A 32 -20.31 -14.19 -7.60
CA PHE A 32 -21.13 -13.38 -6.69
C PHE A 32 -22.20 -12.59 -7.47
N GLU A 33 -23.51 -12.90 -7.24
CA GLU A 33 -24.64 -12.18 -7.88
C GLU A 33 -24.81 -10.82 -7.22
N LYS A 34 -24.88 -9.75 -8.04
CA LYS A 34 -25.01 -8.36 -7.57
C LYS A 34 -26.22 -8.17 -6.61
N ARG A 35 -27.33 -8.91 -6.85
CA ARG A 35 -28.57 -8.87 -6.05
C ARG A 35 -28.39 -9.37 -4.63
N PHE A 36 -27.40 -10.25 -4.41
CA PHE A 36 -27.11 -10.81 -3.08
C PHE A 36 -26.05 -10.02 -2.39
N LEU A 37 -25.45 -9.08 -3.10
CA LEU A 37 -24.41 -8.22 -2.55
C LEU A 37 -25.06 -7.03 -1.88
N LYS A 38 -25.54 -7.26 -0.65
CA LYS A 38 -26.23 -6.24 0.12
C LYS A 38 -25.31 -5.13 0.64
N ARG A 39 -25.51 -3.91 0.13
CA ARG A 39 -24.72 -2.73 0.46
C ARG A 39 -24.92 -2.30 1.92
N ILE A 40 -23.81 -2.18 2.69
CA ILE A 40 -23.88 -1.73 4.10
C ILE A 40 -23.32 -0.29 4.27
N ARG A 41 -22.02 -0.07 3.93
CA ARG A 41 -21.33 1.24 4.04
C ARG A 41 -20.10 1.33 3.15
N ASP A 42 -19.74 2.56 2.75
CA ASP A 42 -18.56 2.85 1.96
C ASP A 42 -17.28 2.67 2.80
N LEU A 43 -16.21 2.11 2.19
CA LEU A 43 -14.92 1.85 2.85
C LEU A 43 -13.74 2.73 2.36
N GLY A 44 -13.73 3.07 1.07
CA GLY A 44 -12.69 3.90 0.48
C GLY A 44 -12.88 4.16 -0.99
N GLU A 45 -12.49 5.36 -1.46
CA GLU A 45 -12.59 5.79 -2.86
C GLU A 45 -11.20 6.02 -3.45
N GLY A 46 -11.16 6.26 -4.75
CA GLY A 46 -9.96 6.61 -5.49
C GLY A 46 -10.29 7.68 -6.50
N HIS A 47 -10.05 7.38 -7.78
CA HIS A 47 -10.38 8.26 -8.91
C HIS A 47 -11.09 7.47 -10.02
N PHE A 48 -10.86 6.14 -10.05
CA PHE A 48 -11.48 5.19 -10.98
C PHE A 48 -11.88 3.88 -10.25
N GLY A 49 -12.02 3.99 -8.93
CA GLY A 49 -12.38 2.87 -8.05
C GLY A 49 -12.95 3.30 -6.72
N LYS A 50 -13.83 2.46 -6.18
CA LYS A 50 -14.46 2.66 -4.87
C LYS A 50 -14.67 1.28 -4.19
N VAL A 51 -14.59 1.25 -2.86
CA VAL A 51 -14.72 0.01 -2.07
C VAL A 51 -15.87 0.08 -1.06
N GLU A 52 -16.70 -0.97 -1.00
CA GLU A 52 -17.83 -1.00 -0.06
C GLU A 52 -17.88 -2.26 0.78
N LEU A 53 -18.50 -2.13 1.97
CA LEU A 53 -18.83 -3.24 2.85
C LEU A 53 -20.20 -3.73 2.41
N CYS A 54 -20.27 -4.97 1.97
CA CYS A 54 -21.47 -5.63 1.53
C CYS A 54 -21.59 -6.93 2.30
N ARG A 55 -22.82 -7.44 2.44
CA ARG A 55 -23.01 -8.76 3.01
C ARG A 55 -23.50 -9.62 1.85
N TYR A 56 -22.82 -10.74 1.55
CA TYR A 56 -23.30 -11.61 0.48
C TYR A 56 -24.27 -12.57 1.13
N ASP A 57 -25.57 -12.27 1.00
CA ASP A 57 -26.65 -12.99 1.66
C ASP A 57 -27.63 -13.67 0.69
N PRO A 58 -27.20 -14.77 0.00
CA PRO A 58 -28.10 -15.43 -0.96
C PRO A 58 -29.26 -16.22 -0.36
N GLU A 59 -29.19 -16.54 0.96
CA GLU A 59 -30.25 -17.26 1.70
C GLU A 59 -31.35 -16.26 2.12
N GLY A 60 -30.93 -15.02 2.38
CA GLY A 60 -31.84 -13.94 2.75
C GLY A 60 -32.19 -13.88 4.22
N ASP A 61 -31.54 -14.73 5.04
CA ASP A 61 -31.73 -14.83 6.50
C ASP A 61 -30.82 -13.88 7.32
N ASN A 62 -30.09 -12.97 6.61
CA ASN A 62 -29.12 -11.99 7.11
C ASN A 62 -27.86 -12.65 7.73
N THR A 63 -27.64 -13.97 7.42
CA THR A 63 -26.54 -14.80 7.94
C THR A 63 -25.33 -14.97 7.00
N GLY A 64 -25.33 -14.29 5.85
CA GLY A 64 -24.22 -14.36 4.90
C GLY A 64 -22.98 -13.64 5.41
N GLU A 65 -21.82 -13.86 4.78
CA GLU A 65 -20.59 -13.19 5.21
C GLU A 65 -20.37 -11.76 4.61
N GLN A 66 -19.80 -10.87 5.43
CA GLN A 66 -19.45 -9.50 5.06
C GLN A 66 -18.20 -9.59 4.17
N VAL A 67 -18.22 -8.86 3.05
CA VAL A 67 -17.13 -8.82 2.10
C VAL A 67 -16.84 -7.36 1.67
N ALA A 68 -15.60 -7.12 1.14
CA ALA A 68 -15.19 -5.82 0.60
C ALA A 68 -15.39 -5.94 -0.89
N VAL A 69 -16.03 -4.94 -1.50
CA VAL A 69 -16.32 -4.96 -2.93
C VAL A 69 -15.78 -3.73 -3.59
N LYS A 70 -14.78 -3.94 -4.45
CA LYS A 70 -14.15 -2.89 -5.23
C LYS A 70 -14.87 -2.78 -6.57
N SER A 71 -15.33 -1.57 -6.89
CA SER A 71 -15.98 -1.32 -8.17
C SER A 71 -15.59 0.04 -8.74
N LEU A 72 -15.89 0.25 -10.02
CA LEU A 72 -15.61 1.51 -10.71
C LEU A 72 -16.46 2.66 -10.21
N LYS A 73 -15.80 3.82 -10.01
CA LYS A 73 -16.41 5.09 -9.61
C LYS A 73 -17.16 5.66 -10.85
N PRO A 74 -18.44 6.05 -10.65
CA PRO A 74 -19.21 6.68 -11.74
C PRO A 74 -18.55 7.91 -12.37
N ASN A 79 -13.63 4.53 -20.21
CA ASN A 79 -13.48 3.57 -19.12
C ASN A 79 -12.49 2.45 -19.46
N HIS A 80 -11.57 1.99 -18.55
CA HIS A 80 -11.33 2.09 -17.09
C HIS A 80 -11.68 0.75 -16.45
N ILE A 81 -12.52 -0.03 -17.15
CA ILE A 81 -12.97 -1.35 -16.77
C ILE A 81 -11.82 -2.36 -16.86
N ALA A 82 -11.00 -2.28 -17.92
CA ALA A 82 -9.87 -3.19 -18.12
C ALA A 82 -8.79 -2.99 -17.08
N ASP A 83 -8.74 -1.78 -16.49
CA ASP A 83 -7.81 -1.45 -15.41
C ASP A 83 -8.13 -2.33 -14.17
N LEU A 84 -9.42 -2.42 -13.80
CA LEU A 84 -9.94 -3.25 -12.72
C LEU A 84 -9.84 -4.72 -13.09
N LYS A 85 -10.10 -5.05 -14.36
CA LYS A 85 -10.03 -6.41 -14.87
C LYS A 85 -8.58 -6.91 -14.77
N LYS A 86 -7.60 -6.01 -14.95
CA LYS A 86 -6.18 -6.38 -14.78
C LYS A 86 -5.83 -6.54 -13.30
N GLU A 87 -6.54 -5.82 -12.41
CA GLU A 87 -6.34 -5.86 -10.96
C GLU A 87 -6.85 -7.19 -10.39
N ILE A 88 -7.92 -7.70 -11.00
CA ILE A 88 -8.56 -8.97 -10.67
C ILE A 88 -7.59 -10.12 -10.98
N GLU A 89 -6.96 -10.10 -12.17
CA GLU A 89 -5.95 -11.07 -12.62
C GLU A 89 -4.74 -11.10 -11.68
N ILE A 90 -4.35 -9.92 -11.14
CA ILE A 90 -3.23 -9.83 -10.20
C ILE A 90 -3.63 -10.43 -8.83
N LEU A 91 -4.75 -9.95 -8.23
CA LEU A 91 -5.15 -10.43 -6.91
C LEU A 91 -5.55 -11.91 -6.92
N ARG A 92 -6.07 -12.39 -8.05
CA ARG A 92 -6.46 -13.79 -8.24
C ARG A 92 -5.19 -14.65 -8.19
N ASN A 93 -4.09 -14.20 -8.85
CA ASN A 93 -2.77 -14.86 -8.87
C ASN A 93 -1.93 -14.58 -7.60
N LEU A 94 -2.54 -14.05 -6.51
CA LEU A 94 -1.84 -13.75 -5.24
C LEU A 94 -2.47 -14.51 -4.08
N TYR A 95 -1.64 -15.21 -3.33
CA TYR A 95 -2.05 -15.99 -2.18
C TYR A 95 -0.92 -15.92 -1.15
N HIS A 96 -1.12 -15.08 -0.13
CA HIS A 96 -0.15 -14.85 0.94
C HIS A 96 -0.88 -14.38 2.22
N GLU A 97 -0.31 -14.73 3.38
CA GLU A 97 -0.79 -14.45 4.72
C GLU A 97 -0.99 -12.94 4.97
N ASN A 98 -0.14 -12.11 4.31
CA ASN A 98 -0.07 -10.67 4.45
C ASN A 98 -0.50 -9.95 3.18
N ILE A 99 -1.44 -10.57 2.44
CA ILE A 99 -2.06 -10.02 1.23
C ILE A 99 -3.54 -10.34 1.37
N VAL A 100 -4.42 -9.29 1.29
CA VAL A 100 -5.88 -9.39 1.40
C VAL A 100 -6.35 -10.50 0.47
N LYS A 101 -7.14 -11.45 1.02
CA LYS A 101 -7.59 -12.61 0.26
C LYS A 101 -8.64 -12.30 -0.79
N TYR A 102 -8.40 -12.83 -2.00
CA TYR A 102 -9.32 -12.76 -3.14
C TYR A 102 -10.46 -13.75 -2.86
N LYS A 103 -11.70 -13.33 -3.17
CA LYS A 103 -12.92 -14.14 -3.00
C LYS A 103 -13.62 -14.44 -4.34
N GLY A 104 -13.66 -13.47 -5.22
CA GLY A 104 -14.26 -13.67 -6.53
C GLY A 104 -14.68 -12.41 -7.25
N ILE A 105 -15.61 -12.58 -8.19
CA ILE A 105 -16.11 -11.49 -9.03
C ILE A 105 -17.63 -11.45 -9.13
N CYS A 106 -18.13 -10.26 -9.41
CA CYS A 106 -19.52 -9.98 -9.65
C CYS A 106 -19.55 -9.31 -11.01
N THR A 107 -20.11 -10.00 -12.01
CA THR A 107 -20.24 -9.48 -13.38
C THR A 107 -21.63 -8.82 -13.58
N GLU A 108 -21.71 -7.81 -14.47
CA GLU A 108 -22.93 -7.05 -14.75
C GLU A 108 -23.41 -7.13 -16.21
N ASN A 112 -21.02 -6.20 -19.17
CA ASN A 112 -20.13 -5.07 -19.41
C ASN A 112 -19.15 -4.79 -18.24
N GLY A 113 -19.72 -4.44 -17.07
CA GLY A 113 -18.98 -4.12 -15.86
C GLY A 113 -18.52 -5.33 -15.06
N ILE A 114 -17.67 -5.09 -14.06
CA ILE A 114 -17.08 -6.14 -13.22
C ILE A 114 -16.70 -5.57 -11.86
N LYS A 115 -16.75 -6.41 -10.81
CA LYS A 115 -16.42 -6.03 -9.43
C LYS A 115 -15.45 -7.02 -8.83
N LEU A 116 -14.54 -6.51 -7.98
CA LEU A 116 -13.54 -7.32 -7.29
C LEU A 116 -14.08 -7.59 -5.88
N ILE A 117 -14.21 -8.89 -5.52
CA ILE A 117 -14.76 -9.30 -4.22
C ILE A 117 -13.66 -9.85 -3.38
N MET A 118 -13.38 -9.22 -2.22
CA MET A 118 -12.35 -9.68 -1.27
C MET A 118 -12.85 -9.74 0.19
N GLU A 119 -11.97 -10.21 1.10
CA GLU A 119 -12.25 -10.31 2.53
C GLU A 119 -12.32 -8.91 3.14
N PHE A 120 -13.18 -8.78 4.13
CA PHE A 120 -13.43 -7.53 4.80
C PHE A 120 -12.63 -7.56 6.09
N LEU A 121 -11.83 -6.54 6.32
CA LEU A 121 -11.02 -6.49 7.53
C LEU A 121 -11.55 -5.39 8.34
N PRO A 122 -12.37 -5.71 9.37
CA PRO A 122 -13.11 -4.67 10.11
C PRO A 122 -12.33 -3.53 10.77
N SER A 123 -11.04 -3.75 11.09
CA SER A 123 -10.25 -2.71 11.78
C SER A 123 -9.85 -1.55 10.88
N GLY A 124 -10.04 -1.74 9.58
CA GLY A 124 -9.69 -0.76 8.57
C GLY A 124 -8.23 -0.84 8.22
N SER A 125 -7.67 0.26 7.70
CA SER A 125 -6.25 0.33 7.35
C SER A 125 -5.48 0.87 8.57
N LEU A 126 -4.15 0.95 8.49
CA LEU A 126 -3.31 1.50 9.57
C LEU A 126 -3.66 2.95 9.86
N LYS A 127 -4.03 3.72 8.80
CA LYS A 127 -4.38 5.14 8.87
C LYS A 127 -5.52 5.40 9.84
N GLU A 128 -6.54 4.54 9.87
CA GLU A 128 -7.69 4.65 10.76
C GLU A 128 -7.39 3.94 12.11
N TYR A 129 -6.58 2.86 12.06
CA TYR A 129 -6.30 2.06 13.25
C TYR A 129 -5.32 2.72 14.22
N LEU A 130 -4.09 3.02 13.76
CA LEU A 130 -3.01 3.54 14.58
C LEU A 130 -3.38 4.76 15.45
N PRO A 131 -4.04 5.85 14.97
CA PRO A 131 -4.39 6.94 15.89
C PRO A 131 -5.34 6.56 17.05
N LYS A 132 -6.10 5.44 16.91
CA LYS A 132 -7.00 4.95 17.97
C LYS A 132 -6.26 3.99 18.94
N ASN A 133 -5.00 3.64 18.64
CA ASN A 133 -4.27 2.66 19.43
C ASN A 133 -2.85 3.06 19.76
N LYS A 134 -2.58 4.36 19.92
CA LYS A 134 -1.25 4.88 20.29
C LYS A 134 -0.76 4.21 21.59
N ASN A 135 -1.68 3.96 22.54
CA ASN A 135 -1.36 3.31 23.81
C ASN A 135 -1.13 1.80 23.71
N LYS A 136 -1.90 1.10 22.84
CA LYS A 136 -1.82 -0.35 22.69
C LYS A 136 -0.59 -0.84 21.87
N ILE A 137 -0.27 -0.13 20.77
CA ILE A 137 0.79 -0.53 19.83
C ILE A 137 2.16 0.00 20.26
N ASN A 138 3.05 -0.90 20.67
CA ASN A 138 4.39 -0.49 21.07
C ASN A 138 5.35 -0.73 19.90
N LEU A 139 6.65 -0.40 20.10
CA LEU A 139 7.71 -0.58 19.11
C LEU A 139 7.83 -2.04 18.68
N LYS A 140 7.64 -2.98 19.60
CA LYS A 140 7.73 -4.41 19.29
C LYS A 140 6.68 -4.80 18.25
N GLN A 141 5.46 -4.24 18.37
CA GLN A 141 4.34 -4.50 17.49
C GLN A 141 4.53 -3.87 16.10
N GLN A 142 4.99 -2.62 16.05
CA GLN A 142 5.26 -1.95 14.79
C GLN A 142 6.30 -2.71 14.00
N LEU A 143 7.35 -3.25 14.69
CA LEU A 143 8.40 -4.04 14.06
C LEU A 143 7.80 -5.31 13.45
N LYS A 144 6.81 -5.89 14.12
CA LYS A 144 6.12 -7.08 13.63
C LYS A 144 5.26 -6.76 12.42
N TYR A 145 4.71 -5.53 12.34
CA TYR A 145 3.95 -5.07 11.19
C TYR A 145 4.88 -4.86 10.02
N ALA A 146 6.09 -4.27 10.27
CA ALA A 146 7.14 -4.07 9.25
C ALA A 146 7.49 -5.39 8.57
N VAL A 147 7.73 -6.46 9.34
CA VAL A 147 8.08 -7.81 8.89
C VAL A 147 6.98 -8.33 7.99
N GLN A 148 5.75 -8.21 8.47
CA GLN A 148 4.52 -8.60 7.76
C GLN A 148 4.35 -7.84 6.43
N ILE A 149 4.54 -6.49 6.41
CA ILE A 149 4.51 -5.67 5.19
C ILE A 149 5.63 -6.15 4.24
N CYS A 150 6.87 -6.38 4.76
CA CYS A 150 7.99 -6.86 3.95
C CYS A 150 7.77 -8.28 3.35
N LYS A 151 7.28 -9.26 4.12
CA LYS A 151 7.02 -10.61 3.60
C LYS A 151 5.99 -10.58 2.48
N GLY A 152 4.93 -9.78 2.65
CA GLY A 152 3.88 -9.61 1.66
C GLY A 152 4.42 -8.97 0.38
N MET A 153 5.28 -7.93 0.55
CA MET A 153 5.93 -7.21 -0.55
C MET A 153 6.94 -8.04 -1.31
N ASP A 154 7.62 -8.92 -0.60
CA ASP A 154 8.65 -9.81 -1.14
C ASP A 154 8.01 -10.91 -1.99
N TYR A 155 6.87 -11.38 -1.52
CA TYR A 155 6.07 -12.33 -2.23
C TYR A 155 5.50 -11.67 -3.53
N LEU A 156 5.22 -10.35 -3.49
CA LEU A 156 4.79 -9.59 -4.66
C LEU A 156 5.97 -9.49 -5.66
N GLY A 157 7.16 -9.21 -5.15
CA GLY A 157 8.37 -9.15 -5.95
C GLY A 157 8.72 -10.46 -6.64
N SER A 158 8.51 -11.59 -5.94
CA SER A 158 8.73 -12.95 -6.45
C SER A 158 7.75 -13.25 -7.61
N ARG A 159 6.46 -12.85 -7.50
CA ARG A 159 5.45 -13.01 -8.55
C ARG A 159 5.68 -12.03 -9.72
N GLN A 160 6.83 -11.28 -9.71
CA GLN A 160 7.26 -10.30 -10.71
C GLN A 160 6.40 -9.01 -10.78
N TYR A 161 5.90 -8.54 -9.64
CA TYR A 161 5.11 -7.32 -9.65
C TYR A 161 5.72 -6.20 -8.89
N VAL A 162 5.38 -4.97 -9.30
CA VAL A 162 5.71 -3.72 -8.62
C VAL A 162 4.39 -3.12 -8.21
N HIS A 163 4.24 -2.85 -6.91
CA HIS A 163 3.02 -2.35 -6.30
C HIS A 163 2.64 -0.94 -6.74
N ARG A 164 3.60 -0.02 -6.66
CA ARG A 164 3.51 1.40 -7.04
C ARG A 164 2.62 2.29 -6.12
N ASP A 165 1.98 1.74 -5.10
CA ASP A 165 1.09 2.51 -4.23
C ASP A 165 1.28 2.02 -2.76
N LEU A 166 2.54 1.79 -2.34
CA LEU A 166 2.74 1.31 -0.98
C LEU A 166 2.73 2.46 0.01
N ALA A 167 1.57 2.58 0.67
CA ALA A 167 1.29 3.56 1.71
C ALA A 167 0.50 2.83 2.80
N ALA A 168 0.50 3.37 4.03
CA ALA A 168 -0.22 2.87 5.22
C ALA A 168 -1.75 2.84 5.02
N ARG A 169 -2.27 3.67 4.10
CA ARG A 169 -3.70 3.72 3.78
CA ARG A 169 -3.71 3.72 3.79
C ARG A 169 -4.09 2.44 3.06
N ASN A 170 -3.09 1.73 2.49
CA ASN A 170 -3.34 0.47 1.77
C ASN A 170 -2.93 -0.77 2.60
N VAL A 171 -2.48 -0.54 3.86
CA VAL A 171 -2.10 -1.65 4.74
C VAL A 171 -3.22 -1.83 5.71
N LEU A 172 -3.92 -2.96 5.63
CA LEU A 172 -5.09 -3.27 6.45
C LEU A 172 -4.70 -4.03 7.68
N VAL A 173 -5.42 -3.83 8.78
CA VAL A 173 -5.23 -4.51 10.05
C VAL A 173 -6.22 -5.70 10.14
N GLU A 174 -5.72 -6.91 10.36
CA GLU A 174 -6.56 -8.10 10.53
C GLU A 174 -6.85 -8.33 12.01
N SER A 175 -5.90 -7.97 12.88
CA SER A 175 -5.94 -8.02 14.34
C SER A 175 -4.79 -7.15 14.81
N GLU A 176 -4.63 -6.96 16.13
CA GLU A 176 -3.50 -6.19 16.65
C GLU A 176 -2.14 -6.89 16.38
N HIS A 177 -2.18 -8.14 15.86
CA HIS A 177 -1.02 -8.99 15.56
C HIS A 177 -0.79 -9.22 14.06
N GLN A 178 -1.79 -8.96 13.21
CA GLN A 178 -1.67 -9.23 11.78
C GLN A 178 -2.08 -8.11 10.84
N VAL A 179 -1.20 -7.79 9.84
CA VAL A 179 -1.48 -6.79 8.80
C VAL A 179 -1.39 -7.43 7.40
N LYS A 180 -2.02 -6.80 6.40
CA LYS A 180 -2.12 -7.29 5.00
C LYS A 180 -2.12 -6.13 4.01
N ILE A 181 -1.57 -6.34 2.81
CA ILE A 181 -1.62 -5.35 1.73
C ILE A 181 -3.04 -5.45 1.12
N GLY A 182 -3.76 -4.33 1.14
CA GLY A 182 -5.17 -4.27 0.77
C GLY A 182 -5.59 -3.66 -0.54
N ASP A 183 -4.66 -3.22 -1.38
CA ASP A 183 -4.97 -2.65 -2.69
C ASP A 183 -3.80 -2.89 -3.64
N PHE A 184 -4.12 -3.14 -4.91
CA PHE A 184 -3.19 -3.44 -5.99
C PHE A 184 -3.60 -2.66 -7.25
N GLY A 185 -4.16 -1.47 -7.04
CA GLY A 185 -4.71 -0.63 -8.10
C GLY A 185 -3.78 -0.03 -9.14
N LEU A 186 -2.48 0.03 -8.84
CA LEU A 186 -1.42 0.59 -9.72
C LEU A 186 -0.29 -0.44 -9.89
N THR A 187 -0.51 -1.71 -9.45
CA THR A 187 0.40 -2.85 -9.51
C THR A 187 0.62 -3.23 -10.97
N LYS A 188 1.90 -3.34 -11.37
CA LYS A 188 2.26 -3.69 -12.72
C LYS A 188 3.24 -4.79 -12.70
N ALA A 189 3.17 -5.67 -13.73
CA ALA A 189 4.03 -6.83 -13.90
C ALA A 189 5.27 -6.41 -14.64
N ILE A 190 6.44 -6.82 -14.13
CA ILE A 190 7.71 -6.51 -14.77
C ILE A 190 7.96 -7.59 -15.83
N GLU A 191 8.19 -7.14 -17.08
CA GLU A 191 8.53 -8.00 -18.21
C GLU A 191 9.71 -8.93 -17.80
N THR A 192 9.61 -10.22 -18.17
CA THR A 192 10.64 -11.23 -17.84
C THR A 192 12.02 -10.76 -18.33
N ASP A 193 13.05 -10.93 -17.47
CA ASP A 193 14.44 -10.54 -17.74
C ASP A 193 14.70 -9.02 -17.66
N LYS A 194 13.62 -8.19 -17.60
CA LYS A 194 13.71 -6.74 -17.47
C LYS A 194 13.76 -6.38 -15.96
N GLU A 195 14.30 -5.22 -15.58
CA GLU A 195 14.44 -4.81 -14.17
C GLU A 195 13.34 -3.87 -13.68
N THR A 198 7.98 0.76 -17.10
CA THR A 198 7.89 2.20 -17.38
C THR A 198 6.40 2.57 -17.47
N VAL A 199 5.96 3.49 -16.60
CA VAL A 199 4.56 3.90 -16.59
C VAL A 199 4.30 4.88 -17.74
N LYS A 200 3.26 4.61 -18.52
CA LYS A 200 2.89 5.44 -19.66
C LYS A 200 2.06 6.64 -19.20
N ASP A 201 0.74 6.49 -18.97
CA ASP A 201 -0.16 7.57 -18.55
C ASP A 201 0.19 8.17 -17.19
N ASP A 202 -0.03 7.40 -16.07
CA ASP A 202 0.22 7.83 -14.68
C ASP A 202 -0.57 9.14 -14.35
N ARG A 203 -1.92 9.05 -14.25
CA ARG A 203 -2.68 10.26 -14.02
C ARG A 203 -2.59 10.77 -12.58
N ASP A 204 -2.76 9.95 -11.54
CA ASP A 204 -2.62 10.52 -10.19
C ASP A 204 -1.96 9.54 -9.23
N SER A 205 -0.63 9.52 -9.25
CA SER A 205 0.22 8.63 -8.46
C SER A 205 0.71 9.26 -7.12
N PRO A 206 0.96 8.44 -6.05
CA PRO A 206 1.41 9.03 -4.75
C PRO A 206 2.89 9.45 -4.72
N VAL A 207 3.16 10.66 -5.25
CA VAL A 207 4.49 11.20 -5.48
C VAL A 207 5.35 11.35 -4.18
N PHE A 208 4.73 11.57 -3.02
CA PHE A 208 5.49 11.66 -1.77
C PHE A 208 5.98 10.29 -1.28
N TRP A 209 5.49 9.20 -1.87
CA TRP A 209 5.95 7.86 -1.52
C TRP A 209 6.94 7.32 -2.55
N TYR A 210 7.25 8.14 -3.60
CA TYR A 210 8.05 7.75 -4.76
C TYR A 210 9.54 7.98 -4.68
N ALA A 211 10.27 7.01 -5.25
CA ALA A 211 11.72 7.05 -5.34
C ALA A 211 12.09 8.02 -6.49
N PRO A 212 13.37 8.47 -6.60
CA PRO A 212 13.69 9.43 -7.65
C PRO A 212 13.57 8.86 -9.06
N GLU A 213 13.79 7.54 -9.23
CA GLU A 213 13.67 6.91 -10.55
C GLU A 213 12.28 7.06 -11.15
N CYS A 214 11.24 7.00 -10.31
CA CYS A 214 9.81 7.12 -10.61
C CYS A 214 9.47 8.54 -10.97
N LEU A 215 9.96 9.48 -10.15
CA LEU A 215 9.74 10.90 -10.29
C LEU A 215 10.45 11.46 -11.53
N MET A 216 11.65 10.97 -11.86
CA MET A 216 12.47 11.41 -12.99
C MET A 216 12.20 10.68 -14.31
N GLN A 217 12.23 9.34 -14.29
CA GLN A 217 12.13 8.51 -15.49
C GLN A 217 10.82 7.73 -15.67
N SER A 218 9.84 7.90 -14.76
CA SER A 218 8.58 7.13 -14.76
C SER A 218 8.80 5.57 -14.66
N LYS A 219 10.03 5.17 -14.23
CA LYS A 219 10.49 3.79 -14.10
C LYS A 219 10.22 3.26 -12.67
N PHE A 220 9.72 2.04 -12.61
CA PHE A 220 9.36 1.38 -11.35
CA PHE A 220 9.39 1.39 -11.35
C PHE A 220 10.07 0.03 -11.23
N TYR A 221 11.00 -0.09 -10.27
CA TYR A 221 11.81 -1.28 -9.96
C TYR A 221 11.28 -1.89 -8.69
N ILE A 222 11.82 -3.04 -8.29
CA ILE A 222 11.45 -3.63 -6.99
C ILE A 222 12.01 -2.70 -5.90
N ALA A 223 13.15 -2.07 -6.18
CA ALA A 223 13.80 -1.10 -5.33
C ALA A 223 12.96 0.18 -5.14
N SER A 224 12.03 0.45 -6.07
CA SER A 224 11.12 1.61 -5.93
C SER A 224 10.09 1.30 -4.83
N ASP A 225 9.71 0.02 -4.71
CA ASP A 225 8.79 -0.46 -3.67
C ASP A 225 9.41 -0.40 -2.29
N VAL A 226 10.74 -0.63 -2.20
CA VAL A 226 11.56 -0.58 -0.99
C VAL A 226 11.51 0.83 -0.40
N TRP A 227 11.73 1.86 -1.24
CA TRP A 227 11.68 3.28 -0.89
C TRP A 227 10.31 3.60 -0.27
N SER A 228 9.20 3.21 -0.94
CA SER A 228 7.84 3.44 -0.45
C SER A 228 7.59 2.71 0.86
N PHE A 229 8.37 1.60 1.13
CA PHE A 229 8.22 0.92 2.39
C PHE A 229 8.78 1.82 3.50
N GLY A 230 10.00 2.36 3.30
CA GLY A 230 10.64 3.31 4.21
C GLY A 230 9.69 4.42 4.64
N VAL A 231 8.94 4.96 3.67
CA VAL A 231 7.96 6.02 3.85
C VAL A 231 6.71 5.55 4.65
N THR A 232 6.21 4.35 4.35
CA THR A 232 5.10 3.67 5.04
C THR A 232 5.53 3.38 6.52
N LEU A 233 6.80 2.96 6.73
CA LEU A 233 7.45 2.70 8.02
C LEU A 233 7.46 3.99 8.82
N HIS A 234 7.88 5.10 8.21
CA HIS A 234 7.89 6.40 8.86
C HIS A 234 6.47 6.68 9.35
N GLU A 235 5.43 6.47 8.47
CA GLU A 235 4.02 6.72 8.82
C GLU A 235 3.62 5.86 10.02
N LEU A 236 4.01 4.59 10.00
CA LEU A 236 3.73 3.59 11.01
C LEU A 236 4.34 4.04 12.37
N LEU A 237 5.60 4.47 12.34
CA LEU A 237 6.30 4.97 13.52
C LEU A 237 5.71 6.26 14.10
N THR A 238 5.07 7.07 13.26
CA THR A 238 4.40 8.31 13.66
C THR A 238 2.90 8.07 13.96
N TYR A 239 2.48 6.79 14.15
CA TYR A 239 1.10 6.36 14.43
C TYR A 239 0.08 6.96 13.45
N CYS A 240 0.57 7.25 12.23
CA CYS A 240 -0.13 7.86 11.12
C CYS A 240 -0.71 9.22 11.48
N ASP A 241 0.02 9.99 12.35
CA ASP A 241 -0.37 11.34 12.75
C ASP A 241 -0.39 12.17 11.47
N SER A 242 -1.58 12.65 11.16
CA SER A 242 -1.97 13.41 9.98
C SER A 242 -0.98 14.50 9.62
N ASP A 243 -0.49 15.27 10.61
CA ASP A 243 0.44 16.37 10.36
C ASP A 243 1.93 15.95 10.38
N SER A 244 2.19 14.64 10.34
CA SER A 244 3.53 14.06 10.26
C SER A 244 3.55 13.11 9.05
N SER A 245 2.55 13.22 8.18
CA SER A 245 2.44 12.42 6.95
C SER A 245 3.45 12.91 5.92
N PRO A 246 3.90 12.04 4.98
CA PRO A 246 4.89 12.47 3.97
C PRO A 246 4.55 13.77 3.22
N MET A 247 3.27 13.95 2.86
CA MET A 247 2.79 15.14 2.20
C MET A 247 2.99 16.37 3.12
N ALA A 248 2.41 16.34 4.33
CA ALA A 248 2.52 17.43 5.32
C ALA A 248 3.94 17.85 5.59
N LEU A 249 4.86 16.90 5.73
CA LEU A 249 6.24 17.24 6.03
C LEU A 249 7.01 17.76 4.84
N PHE A 250 6.88 17.10 3.67
CA PHE A 250 7.59 17.50 2.44
C PHE A 250 7.15 18.88 1.93
N LEU A 251 5.94 19.31 2.27
CA LEU A 251 5.46 20.62 1.85
C LEU A 251 5.95 21.75 2.79
N LYS A 252 6.76 21.41 3.81
CA LYS A 252 7.39 22.35 4.74
C LYS A 252 8.88 22.44 4.38
N MET A 253 9.31 21.63 3.40
CA MET A 253 10.68 21.58 2.87
C MET A 253 10.65 22.13 1.45
N ILE A 254 9.48 22.05 0.79
CA ILE A 254 9.25 22.50 -0.58
C ILE A 254 8.42 23.79 -0.62
N GLY A 255 7.44 23.88 0.28
CA GLY A 255 6.55 25.02 0.40
C GLY A 255 5.38 24.95 -0.57
N PRO A 256 4.67 26.09 -0.79
CA PRO A 256 3.55 26.09 -1.75
C PRO A 256 4.07 25.81 -3.16
N THR A 257 3.35 24.95 -3.92
CA THR A 257 3.82 24.54 -5.24
C THR A 257 2.69 24.30 -6.28
N HIS A 258 1.66 23.48 -5.93
CA HIS A 258 0.53 23.04 -6.77
C HIS A 258 1.02 22.06 -7.86
N GLY A 259 0.21 21.02 -8.10
CA GLY A 259 0.39 19.92 -9.03
C GLY A 259 1.58 19.92 -9.98
N GLN A 260 1.70 21.01 -10.78
CA GLN A 260 2.74 21.28 -11.77
C GLN A 260 4.16 21.14 -11.26
N MET A 261 4.53 21.95 -10.25
CA MET A 261 5.91 22.01 -9.75
C MET A 261 6.27 21.03 -8.63
N THR A 262 5.25 20.41 -7.98
CA THR A 262 5.42 19.46 -6.85
C THR A 262 6.59 18.50 -7.06
N VAL A 263 6.58 17.74 -8.17
CA VAL A 263 7.61 16.73 -8.48
C VAL A 263 9.03 17.33 -8.68
N THR A 264 9.17 18.45 -9.43
CA THR A 264 10.47 19.08 -9.69
C THR A 264 11.20 19.49 -8.41
N ARG A 265 10.46 20.09 -7.47
CA ARG A 265 10.99 20.53 -6.18
C ARG A 265 11.31 19.32 -5.27
N LEU A 266 10.47 18.25 -5.39
CA LEU A 266 10.60 17.00 -4.65
C LEU A 266 11.89 16.33 -5.03
N VAL A 267 12.22 16.31 -6.34
CA VAL A 267 13.44 15.71 -6.87
C VAL A 267 14.69 16.45 -6.37
N ASN A 268 14.67 17.79 -6.38
CA ASN A 268 15.80 18.63 -5.92
C ASN A 268 16.14 18.37 -4.45
N THR A 269 15.11 18.32 -3.58
CA THR A 269 15.20 18.02 -2.14
C THR A 269 15.99 16.71 -1.96
N LEU A 270 15.54 15.62 -2.64
CA LEU A 270 16.14 14.28 -2.59
C LEU A 270 17.53 14.22 -3.21
N LYS A 271 17.75 14.99 -4.29
CA LYS A 271 19.05 15.13 -4.96
C LYS A 271 20.12 15.70 -3.96
N GLU A 272 19.70 16.61 -3.04
CA GLU A 272 20.51 17.25 -1.98
C GLU A 272 20.72 16.38 -0.75
N GLY A 273 20.34 15.10 -0.83
CA GLY A 273 20.48 14.14 0.27
C GLY A 273 19.44 14.24 1.39
N LYS A 274 18.53 15.21 1.27
CA LYS A 274 17.45 15.44 2.23
C LYS A 274 16.49 14.27 2.25
N ARG A 275 16.12 13.82 3.46
CA ARG A 275 15.22 12.70 3.71
C ARG A 275 14.35 12.98 4.93
N LEU A 276 13.17 12.33 5.00
CA LEU A 276 12.26 12.40 6.14
C LEU A 276 13.07 12.09 7.41
N PRO A 277 12.93 12.89 8.48
CA PRO A 277 13.75 12.65 9.67
C PRO A 277 13.22 11.54 10.56
N CYS A 278 14.13 10.98 11.35
CA CYS A 278 13.89 9.94 12.35
C CYS A 278 12.68 10.32 13.19
N PRO A 279 11.57 9.53 13.15
CA PRO A 279 10.37 9.89 13.93
C PRO A 279 10.64 10.03 15.45
N PRO A 280 9.89 10.86 16.21
CA PRO A 280 10.20 10.97 17.65
C PRO A 280 10.05 9.60 18.35
N ASN A 281 11.07 9.23 19.15
CA ASN A 281 11.19 7.97 19.91
C ASN A 281 11.75 6.80 19.09
N CYS A 282 11.95 6.99 17.77
CA CYS A 282 12.49 5.97 16.87
C CYS A 282 13.95 5.66 17.21
N PRO A 283 14.29 4.37 17.44
CA PRO A 283 15.68 4.04 17.77
C PRO A 283 16.56 4.00 16.53
N ASP A 284 17.84 4.32 16.72
CA ASP A 284 18.90 4.33 15.70
C ASP A 284 18.76 3.15 14.71
N GLU A 285 18.74 1.90 15.24
CA GLU A 285 18.66 0.64 14.52
C GLU A 285 17.51 0.56 13.54
N VAL A 286 16.35 1.10 13.91
CA VAL A 286 15.18 1.07 13.04
C VAL A 286 15.34 2.12 11.93
N TYR A 287 15.72 3.36 12.30
CA TYR A 287 15.94 4.46 11.34
C TYR A 287 17.05 4.14 10.34
N GLN A 288 18.07 3.39 10.77
CA GLN A 288 19.17 3.02 9.90
C GLN A 288 18.71 2.00 8.85
N LEU A 289 17.68 1.20 9.17
CA LEU A 289 17.08 0.27 8.21
C LEU A 289 16.16 1.04 7.24
N MET A 290 15.56 2.15 7.74
CA MET A 290 14.67 3.05 6.99
C MET A 290 15.47 3.86 5.97
N ARG A 291 16.64 4.36 6.40
CA ARG A 291 17.60 5.10 5.59
C ARG A 291 18.11 4.25 4.42
N LYS A 292 18.24 2.92 4.64
CA LYS A 292 18.70 1.91 3.65
C LYS A 292 17.77 1.77 2.44
N CYS A 293 16.45 2.00 2.65
CA CYS A 293 15.37 2.05 1.65
C CYS A 293 15.51 3.30 0.82
N TRP A 294 16.16 4.33 1.37
CA TRP A 294 16.23 5.66 0.80
C TRP A 294 17.58 6.06 0.20
N GLU A 295 18.25 5.09 -0.43
CA GLU A 295 19.47 5.34 -1.15
C GLU A 295 19.05 5.80 -2.52
N PHE A 296 19.47 6.99 -2.95
CA PHE A 296 19.12 7.61 -4.23
C PHE A 296 19.03 6.63 -5.40
N GLN A 297 20.02 5.76 -5.55
CA GLN A 297 20.12 4.79 -6.63
C GLN A 297 19.43 3.47 -6.30
N PRO A 298 18.53 2.98 -7.19
CA PRO A 298 17.84 1.68 -6.93
C PRO A 298 18.74 0.53 -6.51
N SER A 299 19.94 0.43 -7.11
CA SER A 299 20.92 -0.65 -6.85
C SER A 299 21.58 -0.63 -5.45
N ASN A 300 21.58 0.52 -4.76
CA ASN A 300 22.20 0.68 -3.45
C ASN A 300 21.24 0.37 -2.29
N ARG A 301 19.93 0.37 -2.59
CA ARG A 301 18.89 0.09 -1.62
C ARG A 301 18.92 -1.34 -1.22
N THR A 302 18.50 -1.59 -0.01
CA THR A 302 18.36 -2.89 0.60
C THR A 302 17.22 -3.70 -0.12
N SER A 303 17.17 -5.03 0.08
CA SER A 303 16.12 -5.89 -0.48
C SER A 303 15.01 -6.07 0.58
N PHE A 304 13.89 -6.73 0.24
CA PHE A 304 12.86 -6.92 1.26
C PHE A 304 13.26 -8.06 2.23
N GLN A 305 14.09 -9.00 1.75
CA GLN A 305 14.54 -10.14 2.55
C GLN A 305 15.54 -9.68 3.58
N ASN A 306 16.35 -8.67 3.25
CA ASN A 306 17.35 -8.09 4.17
C ASN A 306 16.66 -7.29 5.27
N LEU A 307 15.52 -6.62 4.92
CA LEU A 307 14.72 -5.87 5.91
C LEU A 307 14.10 -6.84 6.88
N ILE A 308 13.68 -8.02 6.37
CA ILE A 308 13.02 -9.06 7.17
C ILE A 308 13.94 -9.52 8.28
N GLU A 309 15.13 -9.98 7.91
CA GLU A 309 16.20 -10.45 8.78
C GLU A 309 16.59 -9.30 9.73
N GLY A 310 16.74 -8.11 9.17
CA GLY A 310 17.07 -6.86 9.86
C GLY A 310 16.12 -6.52 10.99
N PHE A 311 14.79 -6.57 10.75
CA PHE A 311 13.78 -6.27 11.78
C PHE A 311 13.65 -7.42 12.74
N GLU A 312 13.70 -8.67 12.23
CA GLU A 312 13.60 -9.88 13.07
C GLU A 312 14.70 -9.93 14.12
N ALA A 313 15.91 -9.41 13.81
CA ALA A 313 17.07 -9.33 14.72
C ALA A 313 16.80 -8.36 15.89
N LEU A 314 15.83 -7.47 15.71
CA LEU A 314 15.50 -6.52 16.77
C LEU A 314 14.35 -7.03 17.63
N LEU A 315 13.74 -8.14 17.22
CA LEU A 315 12.62 -8.73 17.95
C LEU A 315 13.16 -9.91 18.75
N LYS A 316 13.17 -9.80 20.09
CA LYS A 316 13.70 -10.85 20.97
C LYS A 316 12.64 -11.85 21.45
#